data_9J8P
#
_entry.id   9J8P
#
_cell.length_a   1.00
_cell.length_b   1.00
_cell.length_c   1.00
_cell.angle_alpha   90.00
_cell.angle_beta   90.00
_cell.angle_gamma   90.00
#
_symmetry.space_group_name_H-M   'P 1'
#
loop_
_entity.id
_entity.type
_entity.pdbx_description
1 polymer 'Speckle targeted PIP5K1A-regulated poly(A) polymerase'
2 polymer 'U6 snRNA'
3 non-polymer 'ZINC ION'
#
loop_
_entity_poly.entity_id
_entity_poly.type
_entity_poly.pdbx_seq_one_letter_code
_entity_poly.pdbx_strand_id
1 'polypeptide(L)'
;MAAVDSDVESLPRGGFRCCLCHVTTANRPSLDAHLGGRKHRHLVELRAARKAQGLRSVFVSGFPRDVDSAQLSEYFLAFG
PVASVVMDKDKGVFAIVEMGDVGAREAVLSQSQHSLGGHRLRVRPREQKEFQSPASKSPKGAAPDSHQLAKALAEAADVG
AQMIKLVGLRELSEAERQLRSLVVALMQEVFTEFFPGCVVHPFGSSINSFDVHGCDLDLFLDLGDLEEPQPVPKAPESPS
LDSALASPLDPQALACTPASPPDSQPPASPQDSEALDFETPSSSLAPQTPDSALASETLASPQSLPPASPLLEDREEGDL
GKASELAETPKEEKAEGAAMLELVGSILRGCVPGVYRVQTVPSARRPVVKFCHRPSGLHGDVSLSNRLALHNSRFLSLCS
ELDGRVRPLVYTLRCWAQGRGLSGSGPLLSNYALTLLVIYFLQTRDPPVLPTVSQLTQKAGEGEQVEVDGWDCSFPRDAS
RLEPSINVEPLSSLLAQFFSCVSCWDLRGSLLSLREGQALPVAGGLPSNLWEGLRLGPLNLQDPFDLSHNVAANVTSRVA
GRLQNCCRAAANYCRSLQYQRRSSRGRDWGLLPLLQPSSPSSLLSATPIPLPLAPFTQLTAALVQVFREALGCHIEQATK
RTRSEGGGTGESSQGGTSKRLKVDGQKNCCEEGKEEQQGCAGDGGEDRVEEMVIEVGEMVQDWAMQSPGQPGDLPLTTGK
HGAPGEEGQPSHAALAERGPKGHEAAQEWSQGEAGKGASLPSSASWRCALWHRVWQGRRRARRRLQQQTKEGAGGGAGTR
AGWLATEAQVTQELKGLSGGEERPETEPLLSFVASVSPADRMLTVTPLQDPQGLFPDLHHFLQVFLPQAIRHLKLEHHHH
HH
;
A
2 'polyribonucleotide'
;GUGCUCGCUUCGGCAGCACAUAUACUAAAAUUGGAACGAUACAGAGAAGAUUAGCAUGGCCCCUGCGCAAGGAUGACACG
CAAAUUCGUGAAGCGUUCCAUAUUUU
;
B
#
# COMPACT_ATOMS: atom_id res chain seq x y z
N SER A 6 -17.15 -22.70 25.42
CA SER A 6 -16.98 -23.57 24.26
C SER A 6 -16.49 -22.79 23.05
N ASP A 7 -16.70 -21.48 23.07
CA ASP A 7 -16.24 -20.59 22.02
C ASP A 7 -14.88 -19.98 22.32
N VAL A 8 -14.25 -20.36 23.42
CA VAL A 8 -12.98 -19.80 23.85
C VAL A 8 -11.86 -20.77 23.48
N GLU A 9 -10.87 -20.27 22.75
CA GLU A 9 -9.72 -21.06 22.34
C GLU A 9 -8.47 -20.47 22.99
N SER A 10 -7.70 -21.33 23.65
CA SER A 10 -6.58 -20.87 24.45
C SER A 10 -5.46 -20.32 23.56
N LEU A 11 -4.43 -19.78 24.19
CA LEU A 11 -3.33 -19.14 23.49
C LEU A 11 -2.12 -19.15 24.42
N PRO A 12 -0.90 -19.18 23.88
CA PRO A 12 0.30 -19.12 24.73
C PRO A 12 0.32 -17.91 25.66
N ARG A 13 1.18 -17.95 26.67
CA ARG A 13 1.24 -16.92 27.71
C ARG A 13 -0.11 -16.76 28.41
N GLY A 14 -0.88 -17.85 28.50
CA GLY A 14 -2.18 -17.79 29.12
C GLY A 14 -3.18 -16.93 28.40
N GLY A 15 -3.13 -16.91 27.06
CA GLY A 15 -4.05 -16.10 26.30
C GLY A 15 -5.41 -16.74 26.14
N PHE A 16 -6.39 -15.91 25.78
CA PHE A 16 -7.75 -16.35 25.53
C PHE A 16 -8.32 -15.55 24.37
N ARG A 17 -9.08 -16.22 23.52
CA ARG A 17 -9.68 -15.57 22.36
C ARG A 17 -11.14 -15.97 22.23
N CYS A 18 -11.93 -15.07 21.67
CA CYS A 18 -13.33 -15.31 21.36
C CYS A 18 -13.45 -15.61 19.87
N CYS A 19 -13.92 -16.81 19.53
CA CYS A 19 -14.01 -17.19 18.13
C CYS A 19 -14.98 -16.31 17.38
N LEU A 20 -16.11 -15.97 18.01
CA LEU A 20 -17.10 -15.11 17.36
C LEU A 20 -16.52 -13.73 17.06
N CYS A 21 -16.11 -13.02 18.10
CA CYS A 21 -15.72 -11.62 17.92
C CYS A 21 -14.30 -11.46 17.39
N HIS A 22 -13.52 -12.53 17.37
CA HIS A 22 -12.10 -12.45 17.02
C HIS A 22 -11.38 -11.42 17.89
N VAL A 23 -11.66 -11.46 19.19
CA VAL A 23 -11.12 -10.51 20.14
C VAL A 23 -10.34 -11.29 21.19
N THR A 24 -9.09 -10.89 21.40
CA THR A 24 -8.24 -11.57 22.37
C THR A 24 -8.34 -10.89 23.74
N THR A 25 -8.12 -11.68 24.78
CA THR A 25 -8.10 -11.19 26.14
C THR A 25 -6.82 -11.69 26.81
N ALA A 26 -6.26 -10.87 27.69
CA ALA A 26 -4.96 -11.17 28.26
C ALA A 26 -5.04 -12.00 29.54
N ASN A 27 -6.22 -12.15 30.15
CA ASN A 27 -6.33 -12.95 31.36
C ASN A 27 -7.79 -13.31 31.59
N ARG A 28 -8.01 -14.10 32.64
CA ARG A 28 -9.35 -14.60 32.94
C ARG A 28 -10.36 -13.49 33.27
N PRO A 29 -10.05 -12.51 34.12
CA PRO A 29 -11.06 -11.47 34.39
C PRO A 29 -11.47 -10.69 33.15
N SER A 30 -10.53 -10.36 32.27
CA SER A 30 -10.87 -9.67 31.03
C SER A 30 -11.71 -10.57 30.13
N LEU A 31 -11.41 -11.86 30.08
CA LEU A 31 -12.23 -12.80 29.31
C LEU A 31 -13.65 -12.84 29.84
N ASP A 32 -13.80 -12.89 31.17
CA ASP A 32 -15.15 -12.91 31.75
C ASP A 32 -15.89 -11.63 31.45
N ALA A 33 -15.22 -10.49 31.54
CA ALA A 33 -15.85 -9.22 31.19
C ALA A 33 -16.29 -9.21 29.73
N HIS A 34 -15.46 -9.74 28.84
CA HIS A 34 -15.84 -9.84 27.45
C HIS A 34 -17.05 -10.75 27.26
N LEU A 35 -17.08 -11.86 28.00
CA LEU A 35 -18.18 -12.82 27.92
C LEU A 35 -19.47 -12.28 28.51
N GLY A 36 -19.41 -11.27 29.36
CA GLY A 36 -20.62 -10.73 29.96
C GLY A 36 -20.96 -9.35 29.48
N GLY A 37 -20.28 -8.89 28.44
CA GLY A 37 -20.64 -7.62 27.88
C GLY A 37 -21.30 -7.63 26.52
N ARG A 38 -21.90 -6.50 26.16
CA ARG A 38 -22.70 -6.41 24.92
C ARG A 38 -22.25 -7.11 23.65
N LYS A 39 -21.07 -6.77 23.15
CA LYS A 39 -20.65 -7.32 21.87
C LYS A 39 -20.84 -8.83 21.80
N HIS A 40 -20.41 -9.54 22.84
CA HIS A 40 -20.48 -10.99 22.81
C HIS A 40 -21.92 -11.52 22.87
N ARG A 41 -22.72 -11.01 23.80
CA ARG A 41 -24.11 -11.41 23.89
C ARG A 41 -24.82 -11.19 22.57
N HIS A 42 -24.73 -9.99 22.03
CA HIS A 42 -25.32 -9.71 20.73
C HIS A 42 -24.96 -10.79 19.72
N LEU A 43 -23.70 -11.20 19.68
CA LEU A 43 -23.30 -12.23 18.72
C LEU A 43 -23.87 -13.60 19.07
N VAL A 44 -23.96 -13.95 20.35
CA VAL A 44 -24.56 -15.23 20.69
C VAL A 44 -26.07 -15.21 20.40
N GLU A 45 -26.72 -14.06 20.59
CA GLU A 45 -28.12 -13.94 20.21
C GLU A 45 -28.27 -14.11 18.70
N LEU A 46 -27.37 -13.51 17.92
CA LEU A 46 -27.44 -13.65 16.47
C LEU A 46 -27.25 -15.11 16.05
N ARG A 47 -26.27 -15.80 16.63
CA ARG A 47 -26.05 -17.19 16.24
C ARG A 47 -27.22 -18.07 16.67
N ALA A 48 -27.78 -17.84 17.87
CA ALA A 48 -28.90 -18.65 18.33
C ALA A 48 -30.13 -18.41 17.46
N ALA A 49 -30.44 -17.15 17.16
CA ALA A 49 -31.58 -16.85 16.32
C ALA A 49 -31.40 -17.42 14.93
N ARG A 50 -30.19 -17.31 14.37
CA ARG A 50 -29.93 -17.84 13.04
C ARG A 50 -30.08 -19.36 13.02
N LYS A 51 -29.54 -20.04 14.03
CA LYS A 51 -29.66 -21.50 14.07
C LYS A 51 -31.11 -21.93 14.24
N ALA A 52 -31.86 -21.23 15.10
CA ALA A 52 -33.27 -21.56 15.29
C ALA A 52 -34.07 -21.36 14.01
N GLN A 53 -33.86 -20.21 13.35
CA GLN A 53 -34.57 -19.93 12.11
C GLN A 53 -34.19 -20.95 11.03
N GLY A 54 -32.93 -21.34 10.98
CA GLY A 54 -32.52 -22.35 10.03
C GLY A 54 -33.17 -23.70 10.29
N LEU A 55 -33.26 -24.09 11.55
CA LEU A 55 -33.88 -25.38 11.85
C LEU A 55 -35.38 -25.36 11.56
N ARG A 56 -36.04 -24.21 11.77
CA ARG A 56 -37.44 -24.10 11.37
C ARG A 56 -37.59 -23.52 9.96
N SER A 57 -36.86 -24.10 9.01
CA SER A 57 -36.86 -23.57 7.64
C SER A 57 -36.85 -24.74 6.66
N VAL A 58 -37.31 -24.46 5.44
CA VAL A 58 -37.38 -25.45 4.38
C VAL A 58 -36.76 -24.87 3.11
N PHE A 59 -36.26 -25.78 2.27
CA PHE A 59 -35.58 -25.42 1.03
C PHE A 59 -36.40 -25.93 -0.14
N VAL A 60 -36.70 -25.03 -1.08
CA VAL A 60 -37.58 -25.33 -2.21
C VAL A 60 -36.80 -25.15 -3.49
N SER A 61 -36.87 -26.16 -4.36
CA SER A 61 -36.26 -26.09 -5.68
C SER A 61 -37.21 -26.70 -6.70
N GLY A 62 -36.84 -26.59 -7.97
CA GLY A 62 -37.62 -27.21 -9.02
C GLY A 62 -38.99 -26.62 -9.25
N PHE A 63 -39.31 -25.49 -8.62
CA PHE A 63 -40.58 -24.86 -8.86
C PHE A 63 -40.61 -24.28 -10.28
N PRO A 64 -41.79 -24.07 -10.85
CA PRO A 64 -41.86 -23.63 -12.25
C PRO A 64 -41.11 -22.34 -12.46
N ARG A 65 -40.44 -22.24 -13.61
CA ARG A 65 -39.56 -21.12 -13.88
C ARG A 65 -40.32 -19.80 -13.87
N ASP A 66 -39.70 -18.79 -13.28
CA ASP A 66 -40.26 -17.43 -13.23
C ASP A 66 -41.61 -17.42 -12.52
N VAL A 67 -41.57 -17.81 -11.25
CA VAL A 67 -42.74 -17.78 -10.37
C VAL A 67 -42.38 -16.97 -9.14
N ASP A 68 -43.17 -15.93 -8.86
CA ASP A 68 -42.87 -15.01 -7.78
C ASP A 68 -43.02 -15.69 -6.42
N SER A 69 -42.41 -15.09 -5.41
CA SER A 69 -42.46 -15.64 -4.06
C SER A 69 -43.84 -15.52 -3.43
N ALA A 70 -44.70 -14.64 -3.95
CA ALA A 70 -45.99 -14.40 -3.32
C ALA A 70 -46.88 -15.63 -3.39
N GLN A 71 -47.03 -16.21 -4.59
CA GLN A 71 -47.90 -17.38 -4.73
C GLN A 71 -47.33 -18.57 -4.00
N LEU A 72 -46.01 -18.73 -3.99
CA LEU A 72 -45.40 -19.82 -3.24
C LEU A 72 -45.66 -19.66 -1.75
N SER A 73 -45.52 -18.43 -1.24
CA SER A 73 -45.80 -18.17 0.17
C SER A 73 -47.25 -18.46 0.51
N GLU A 74 -48.18 -18.00 -0.33
CA GLU A 74 -49.59 -18.24 -0.05
C GLU A 74 -49.96 -19.71 -0.20
N TYR A 75 -49.26 -20.45 -1.05
CA TYR A 75 -49.46 -21.89 -1.12
C TYR A 75 -48.99 -22.57 0.16
N PHE A 76 -47.81 -22.19 0.64
CA PHE A 76 -47.33 -22.73 1.92
C PHE A 76 -48.12 -22.22 3.10
N LEU A 77 -48.96 -21.19 2.91
CA LEU A 77 -49.77 -20.66 4.01
C LEU A 77 -50.74 -21.71 4.54
N ALA A 78 -51.28 -22.55 3.66
CA ALA A 78 -52.22 -23.58 4.10
C ALA A 78 -51.53 -24.56 5.04
N PHE A 79 -50.29 -24.92 4.75
CA PHE A 79 -49.55 -25.85 5.59
C PHE A 79 -49.12 -25.25 6.92
N GLY A 80 -49.06 -23.92 7.04
CA GLY A 80 -48.67 -23.29 8.27
C GLY A 80 -48.40 -21.80 8.11
N PRO A 81 -48.06 -21.14 9.22
CA PRO A 81 -47.86 -19.69 9.21
C PRO A 81 -46.51 -19.31 8.62
N VAL A 82 -46.52 -18.72 7.43
CA VAL A 82 -45.28 -18.29 6.79
C VAL A 82 -44.71 -17.09 7.53
N ALA A 83 -43.41 -16.94 7.44
CA ALA A 83 -42.75 -15.80 8.06
C ALA A 83 -41.88 -15.02 7.09
N SER A 84 -41.20 -15.70 6.17
CA SER A 84 -40.37 -15.02 5.19
C SER A 84 -40.07 -15.98 4.05
N VAL A 85 -40.16 -15.47 2.82
CA VAL A 85 -39.82 -16.22 1.62
C VAL A 85 -38.84 -15.38 0.83
N VAL A 86 -37.65 -15.92 0.59
CA VAL A 86 -36.60 -15.21 -0.15
C VAL A 86 -36.26 -16.04 -1.38
N MET A 87 -36.12 -15.37 -2.52
CA MET A 87 -35.84 -16.03 -3.78
C MET A 87 -34.39 -15.80 -4.18
N ASP A 88 -33.85 -16.76 -4.94
CA ASP A 88 -32.47 -16.68 -5.39
C ASP A 88 -32.26 -15.48 -6.30
N LYS A 89 -31.10 -14.84 -6.17
CA LYS A 89 -30.76 -13.70 -6.99
C LYS A 89 -30.21 -14.13 -8.35
N ASP A 90 -29.23 -15.03 -8.34
CA ASP A 90 -28.44 -15.32 -9.53
C ASP A 90 -29.32 -15.85 -10.66
N LYS A 91 -30.12 -16.87 -10.39
CA LYS A 91 -30.97 -17.45 -11.40
C LYS A 91 -32.38 -17.74 -10.93
N GLY A 92 -32.68 -17.54 -9.65
CA GLY A 92 -34.01 -17.85 -9.15
C GLY A 92 -34.35 -19.32 -9.24
N VAL A 93 -33.36 -20.19 -9.10
CA VAL A 93 -33.61 -21.63 -9.19
C VAL A 93 -34.30 -22.14 -7.93
N PHE A 94 -33.93 -21.60 -6.77
CA PHE A 94 -34.39 -22.12 -5.49
C PHE A 94 -34.93 -20.98 -4.63
N ALA A 95 -35.50 -21.35 -3.49
CA ALA A 95 -36.04 -20.39 -2.55
C ALA A 95 -35.99 -20.99 -1.15
N ILE A 96 -36.06 -20.12 -0.15
CA ILE A 96 -36.08 -20.50 1.25
C ILE A 96 -37.31 -19.89 1.91
N VAL A 97 -38.10 -20.72 2.58
CA VAL A 97 -39.35 -20.31 3.18
C VAL A 97 -39.16 -20.37 4.69
N GLU A 98 -39.09 -19.21 5.33
CA GLU A 98 -39.00 -19.18 6.78
C GLU A 98 -40.38 -19.30 7.39
N MET A 99 -40.55 -20.24 8.30
CA MET A 99 -41.81 -20.50 8.97
C MET A 99 -41.73 -20.01 10.40
N GLY A 100 -42.79 -19.36 10.86
CA GLY A 100 -42.78 -18.76 12.19
C GLY A 100 -43.08 -19.73 13.32
N ASP A 101 -42.70 -21.00 13.14
CA ASP A 101 -42.90 -22.02 14.15
C ASP A 101 -42.14 -23.28 13.80
N VAL A 102 -42.17 -24.29 14.67
CA VAL A 102 -41.52 -25.57 14.40
C VAL A 102 -42.57 -26.56 13.94
N GLY A 103 -43.81 -26.39 14.41
CA GLY A 103 -44.86 -27.33 14.06
C GLY A 103 -45.17 -27.33 12.57
N ALA A 104 -45.25 -26.14 11.96
CA ALA A 104 -45.53 -26.08 10.54
C ALA A 104 -44.37 -26.63 9.71
N ARG A 105 -43.12 -26.41 10.15
CA ARG A 105 -41.99 -27.00 9.46
C ARG A 105 -42.04 -28.52 9.55
N GLU A 106 -42.40 -29.05 10.72
CA GLU A 106 -42.57 -30.50 10.84
C GLU A 106 -43.67 -30.99 9.92
N ALA A 107 -44.77 -30.24 9.83
CA ALA A 107 -45.88 -30.66 8.97
C ALA A 107 -45.47 -30.68 7.50
N VAL A 108 -44.77 -29.65 7.04
CA VAL A 108 -44.40 -29.59 5.63
C VAL A 108 -43.35 -30.64 5.31
N LEU A 109 -42.43 -30.91 6.23
CA LEU A 109 -41.46 -31.96 5.98
C LEU A 109 -42.05 -33.36 6.15
N SER A 110 -43.19 -33.48 6.82
CA SER A 110 -43.79 -34.79 7.02
C SER A 110 -44.26 -35.40 5.71
N GLN A 111 -44.87 -34.59 4.84
CA GLN A 111 -45.36 -35.11 3.56
C GLN A 111 -44.19 -35.51 2.67
N SER A 112 -44.39 -36.59 1.92
CA SER A 112 -43.42 -37.07 0.96
C SER A 112 -43.68 -36.55 -0.44
N GLN A 113 -44.69 -35.68 -0.61
CA GLN A 113 -45.03 -35.18 -1.92
C GLN A 113 -45.64 -33.79 -1.78
N HIS A 114 -45.31 -32.91 -2.72
CA HIS A 114 -45.89 -31.57 -2.77
C HIS A 114 -46.23 -31.24 -4.21
N SER A 115 -47.28 -30.44 -4.38
CA SER A 115 -47.73 -30.03 -5.70
C SER A 115 -48.12 -28.56 -5.67
N LEU A 116 -47.67 -27.82 -6.67
CA LEU A 116 -47.98 -26.39 -6.78
C LEU A 116 -47.78 -25.96 -8.21
N GLY A 117 -48.85 -25.45 -8.83
CA GLY A 117 -48.75 -24.99 -10.21
C GLY A 117 -48.38 -26.07 -11.20
N GLY A 118 -48.84 -27.29 -10.96
CA GLY A 118 -48.52 -28.39 -11.87
C GLY A 118 -47.04 -28.71 -11.95
N HIS A 119 -46.35 -28.68 -10.82
CA HIS A 119 -44.92 -29.00 -10.79
C HIS A 119 -44.58 -29.64 -9.46
N ARG A 120 -43.90 -30.77 -9.52
CA ARG A 120 -43.43 -31.42 -8.31
C ARG A 120 -42.31 -30.58 -7.68
N LEU A 121 -42.53 -30.17 -6.43
CA LEU A 121 -41.58 -29.31 -5.75
C LEU A 121 -40.51 -30.14 -5.04
N ARG A 122 -39.37 -29.50 -4.80
CA ARG A 122 -38.22 -30.13 -4.17
C ARG A 122 -38.10 -29.80 -2.69
N VAL A 123 -39.24 -29.74 -1.98
CA VAL A 123 -39.22 -29.42 -0.56
C VAL A 123 -38.27 -30.37 0.17
N ARG A 124 -37.32 -29.79 0.92
CA ARG A 124 -36.22 -30.54 1.49
C ARG A 124 -35.66 -29.75 2.66
N PRO A 125 -35.31 -30.40 3.78
CA PRO A 125 -34.79 -29.66 4.93
C PRO A 125 -33.50 -28.93 4.61
N ARG A 126 -33.34 -27.75 5.20
CA ARG A 126 -32.18 -26.92 4.96
C ARG A 126 -31.08 -27.21 5.97
N GLU A 127 -29.85 -27.27 5.48
CA GLU A 127 -28.71 -27.46 6.36
C GLU A 127 -28.32 -26.13 7.00
N GLN A 128 -27.81 -26.21 8.22
CA GLN A 128 -27.36 -25.04 8.97
C GLN A 128 -25.87 -25.14 9.20
N LYS A 129 -25.17 -24.04 8.94
CA LYS A 129 -23.72 -23.96 9.14
C LYS A 129 -23.39 -22.66 9.85
N GLU A 130 -22.27 -22.66 10.55
CA GLU A 130 -21.89 -21.53 11.38
C GLU A 130 -21.40 -20.38 10.50
N PHE A 131 -20.95 -19.30 11.16
CA PHE A 131 -20.43 -18.13 10.45
C PHE A 131 -19.21 -18.48 9.61
N ASP A 145 1.54 -9.94 -4.07
CA ASP A 145 2.70 -10.39 -4.82
C ASP A 145 3.98 -10.20 -4.02
N SER A 146 4.21 -11.07 -3.04
CA SER A 146 5.36 -10.93 -2.16
C SER A 146 6.67 -11.15 -2.90
N HIS A 147 6.71 -12.15 -3.79
CA HIS A 147 7.95 -12.58 -4.42
C HIS A 147 8.00 -12.31 -5.91
N GLN A 148 6.90 -12.55 -6.63
CA GLN A 148 6.91 -12.33 -8.08
C GLN A 148 7.10 -10.87 -8.42
N LEU A 149 6.49 -9.97 -7.65
CA LEU A 149 6.68 -8.54 -7.88
C LEU A 149 8.15 -8.15 -7.69
N ALA A 150 8.77 -8.65 -6.62
CA ALA A 150 10.17 -8.35 -6.39
C ALA A 150 11.05 -8.89 -7.51
N LYS A 151 10.77 -10.12 -7.96
CA LYS A 151 11.57 -10.71 -9.03
C LYS A 151 11.40 -9.93 -10.32
N ALA A 152 10.18 -9.46 -10.60
CA ALA A 152 9.95 -8.70 -11.82
C ALA A 152 10.63 -7.34 -11.76
N LEU A 153 10.68 -6.72 -10.59
CA LEU A 153 11.26 -5.40 -10.44
C LEU A 153 12.75 -5.44 -10.09
N ALA A 154 13.35 -6.63 -10.04
CA ALA A 154 14.73 -6.78 -9.59
C ALA A 154 15.75 -6.80 -10.73
N GLU A 155 15.33 -6.53 -11.97
CA GLU A 155 16.26 -6.60 -13.08
C GLU A 155 16.12 -5.46 -14.09
N ALA A 156 15.36 -4.42 -13.77
CA ALA A 156 15.18 -3.32 -14.71
C ALA A 156 16.48 -2.56 -14.89
N ALA A 157 16.50 -1.66 -15.89
CA ALA A 157 17.69 -0.89 -16.17
C ALA A 157 18.00 0.08 -15.03
N ASP A 158 17.00 0.80 -14.56
CA ASP A 158 17.16 1.74 -13.47
C ASP A 158 15.82 1.92 -12.75
N VAL A 159 15.76 2.90 -11.85
CA VAL A 159 14.57 3.10 -11.06
C VAL A 159 13.38 3.57 -11.90
N GLY A 160 13.62 4.38 -12.94
CA GLY A 160 12.52 4.76 -13.81
C GLY A 160 11.89 3.58 -14.52
N ALA A 161 12.73 2.67 -15.04
CA ALA A 161 12.21 1.45 -15.62
C ALA A 161 11.50 0.60 -14.58
N GLN A 162 12.00 0.58 -13.35
CA GLN A 162 11.31 -0.15 -12.28
C GLN A 162 9.91 0.41 -12.05
N MET A 163 9.79 1.74 -12.02
CA MET A 163 8.47 2.35 -11.82
C MET A 163 7.55 2.06 -12.99
N ILE A 164 8.07 2.11 -14.22
CA ILE A 164 7.23 1.79 -15.37
C ILE A 164 6.77 0.34 -15.32
N LYS A 165 7.65 -0.58 -14.92
CA LYS A 165 7.27 -1.98 -14.82
C LYS A 165 6.29 -2.21 -13.67
N LEU A 166 6.43 -1.43 -12.60
CA LEU A 166 5.46 -1.50 -11.52
C LEU A 166 4.08 -1.07 -11.99
N VAL A 167 4.02 -0.03 -12.82
CA VAL A 167 2.77 0.33 -13.46
C VAL A 167 2.27 -0.83 -14.32
N GLY A 168 3.16 -1.44 -15.09
CA GLY A 168 2.73 -2.49 -16.01
C GLY A 168 2.12 -3.68 -15.30
N LEU A 169 2.72 -4.09 -14.18
CA LEU A 169 2.27 -5.29 -13.48
C LEU A 169 1.39 -5.00 -12.28
N ARG A 170 1.07 -3.72 -12.02
CA ARG A 170 0.11 -3.37 -10.98
C ARG A 170 -1.21 -2.86 -11.53
N GLU A 171 -1.27 -2.51 -12.81
CA GLU A 171 -2.49 -1.97 -13.39
C GLU A 171 -3.54 -3.07 -13.54
N LEU A 172 -4.68 -2.70 -14.12
CA LEU A 172 -5.79 -3.63 -14.29
C LEU A 172 -5.62 -4.40 -15.59
N SER A 173 -5.57 -5.72 -15.49
CA SER A 173 -5.46 -6.56 -16.68
C SER A 173 -6.74 -6.49 -17.48
N GLU A 174 -6.63 -6.87 -18.76
CA GLU A 174 -7.77 -6.72 -19.67
C GLU A 174 -8.93 -7.61 -19.27
N ALA A 175 -8.63 -8.84 -18.82
CA ALA A 175 -9.71 -9.71 -18.34
C ALA A 175 -10.40 -9.12 -17.13
N GLU A 176 -9.62 -8.53 -16.21
CA GLU A 176 -10.21 -7.87 -15.05
C GLU A 176 -11.06 -6.67 -15.48
N ARG A 177 -10.59 -5.91 -16.46
CA ARG A 177 -11.38 -4.80 -16.98
C ARG A 177 -12.69 -5.28 -17.56
N GLN A 178 -12.65 -6.39 -18.32
CA GLN A 178 -13.87 -6.96 -18.87
C GLN A 178 -14.83 -7.40 -17.76
N LEU A 179 -14.28 -8.03 -16.71
CA LEU A 179 -15.13 -8.46 -15.60
C LEU A 179 -15.79 -7.28 -14.91
N ARG A 180 -15.04 -6.20 -14.68
CA ARG A 180 -15.61 -5.02 -14.06
C ARG A 180 -16.67 -4.39 -14.95
N SER A 181 -16.43 -4.34 -16.26
CA SER A 181 -17.44 -3.80 -17.17
C SER A 181 -18.70 -4.66 -17.18
N LEU A 182 -18.54 -5.98 -17.08
CA LEU A 182 -19.71 -6.86 -16.99
C LEU A 182 -20.51 -6.60 -15.71
N VAL A 183 -19.81 -6.42 -14.59
CA VAL A 183 -20.50 -6.11 -13.34
C VAL A 183 -21.25 -4.78 -13.45
N VAL A 184 -20.60 -3.78 -14.06
CA VAL A 184 -21.22 -2.48 -14.23
C VAL A 184 -22.45 -2.59 -15.13
N ALA A 185 -22.36 -3.40 -16.19
CA ALA A 185 -23.49 -3.59 -17.08
C ALA A 185 -24.65 -4.27 -16.36
N LEU A 186 -24.36 -5.26 -15.53
CA LEU A 186 -25.42 -5.92 -14.76
C LEU A 186 -26.12 -4.93 -13.84
N MET A 187 -25.34 -4.10 -13.13
CA MET A 187 -25.94 -3.11 -12.24
C MET A 187 -26.74 -2.08 -13.03
N GLN A 188 -26.24 -1.67 -14.20
CA GLN A 188 -26.98 -0.76 -15.05
C GLN A 188 -28.31 -1.37 -15.48
N GLU A 189 -28.30 -2.65 -15.83
CA GLU A 189 -29.52 -3.31 -16.26
C GLU A 189 -30.56 -3.32 -15.15
N VAL A 190 -30.15 -3.71 -13.94
CA VAL A 190 -31.14 -3.76 -12.86
C VAL A 190 -31.62 -2.37 -12.49
N PHE A 191 -30.72 -1.38 -12.47
CA PHE A 191 -31.13 -0.02 -12.13
C PHE A 191 -32.08 0.56 -13.16
N THR A 192 -31.82 0.32 -14.45
CA THR A 192 -32.75 0.76 -15.48
C THR A 192 -34.08 0.02 -15.37
N GLU A 193 -34.06 -1.22 -14.91
CA GLU A 193 -35.32 -1.92 -14.64
C GLU A 193 -36.10 -1.22 -13.55
N PHE A 194 -35.43 -0.75 -12.50
CA PHE A 194 -36.14 -0.07 -11.42
C PHE A 194 -36.40 1.39 -11.77
N PHE A 195 -35.34 2.19 -11.91
CA PHE A 195 -35.52 3.60 -12.19
C PHE A 195 -35.94 3.81 -13.64
N PRO A 196 -36.76 4.83 -13.92
CA PRO A 196 -37.24 5.04 -15.28
C PRO A 196 -36.11 5.27 -16.27
N GLY A 197 -35.32 6.31 -16.06
CA GLY A 197 -34.17 6.58 -16.88
C GLY A 197 -32.97 6.99 -16.06
N CYS A 198 -31.90 6.19 -16.10
CA CYS A 198 -30.73 6.46 -15.29
C CYS A 198 -29.53 5.76 -15.91
N VAL A 199 -28.35 6.24 -15.55
CA VAL A 199 -27.10 5.62 -15.98
C VAL A 199 -26.19 5.51 -14.77
N VAL A 200 -25.24 4.58 -14.86
CA VAL A 200 -24.24 4.38 -13.83
C VAL A 200 -22.89 4.77 -14.42
N HIS A 201 -22.29 5.83 -13.89
CA HIS A 201 -21.00 6.29 -14.37
C HIS A 201 -19.92 5.77 -13.43
N PRO A 202 -19.08 4.82 -13.87
CA PRO A 202 -17.96 4.41 -13.02
C PRO A 202 -16.94 5.52 -12.91
N PHE A 203 -16.45 5.75 -11.70
CA PHE A 203 -15.44 6.75 -11.47
C PHE A 203 -14.43 6.19 -10.47
N GLY A 204 -13.58 7.05 -9.93
CA GLY A 204 -12.50 6.54 -9.12
C GLY A 204 -11.52 5.78 -9.99
N SER A 205 -10.97 4.70 -9.43
CA SER A 205 -9.92 3.97 -10.12
C SER A 205 -10.39 3.36 -11.44
N SER A 206 -11.69 3.23 -11.65
CA SER A 206 -12.18 2.60 -12.87
C SER A 206 -11.80 3.42 -14.11
N ILE A 207 -11.90 4.74 -14.04
CA ILE A 207 -11.68 5.57 -15.21
C ILE A 207 -10.54 6.57 -15.04
N ASN A 208 -10.05 6.84 -13.84
CA ASN A 208 -8.99 7.85 -13.72
C ASN A 208 -7.62 7.31 -14.11
N SER A 209 -7.54 6.08 -14.59
CA SER A 209 -6.29 5.48 -15.07
C SER A 209 -5.26 5.29 -13.96
N PHE A 210 -5.71 5.28 -12.70
CA PHE A 210 -4.82 5.00 -11.58
C PHE A 210 -5.31 3.76 -10.84
N ASP A 211 -5.66 2.73 -11.58
CA ASP A 211 -6.29 1.53 -11.04
C ASP A 211 -5.25 0.49 -10.67
N VAL A 212 -5.50 -0.22 -9.58
CA VAL A 212 -4.65 -1.34 -9.15
C VAL A 212 -5.54 -2.58 -9.05
N HIS A 213 -4.89 -3.73 -8.93
CA HIS A 213 -5.62 -4.98 -8.76
C HIS A 213 -6.42 -4.95 -7.47
N GLY A 214 -7.68 -5.35 -7.55
CA GLY A 214 -8.54 -5.36 -6.37
C GLY A 214 -8.85 -3.99 -5.83
N CYS A 215 -9.14 -3.03 -6.71
CA CYS A 215 -9.51 -1.70 -6.28
C CYS A 215 -11.03 -1.55 -6.22
N ASP A 216 -11.48 -0.55 -5.48
CA ASP A 216 -12.91 -0.33 -5.28
C ASP A 216 -13.60 -0.03 -6.60
N LEU A 217 -14.80 -0.58 -6.76
CA LEU A 217 -15.67 -0.27 -7.89
C LEU A 217 -16.64 0.81 -7.43
N ASP A 218 -16.36 2.06 -7.78
CA ASP A 218 -17.16 3.20 -7.34
C ASP A 218 -18.07 3.64 -8.47
N LEU A 219 -19.35 3.85 -8.14
CA LEU A 219 -20.37 4.12 -9.15
C LEU A 219 -21.13 5.38 -8.79
N PHE A 220 -21.57 6.10 -9.82
CA PHE A 220 -22.39 7.28 -9.68
C PHE A 220 -23.72 7.03 -10.38
N LEU A 221 -24.82 7.31 -9.69
CA LEU A 221 -26.17 7.06 -10.21
C LEU A 221 -26.76 8.38 -10.67
N ASP A 222 -26.81 8.59 -11.98
CA ASP A 222 -27.28 9.83 -12.56
C ASP A 222 -28.75 9.71 -12.91
N LEU A 223 -29.54 10.70 -12.49
CA LEU A 223 -30.97 10.70 -12.75
C LEU A 223 -31.36 11.82 -13.71
N GLU A 333 -35.16 18.55 2.02
CA GLU A 333 -33.82 18.95 1.59
C GLU A 333 -32.81 17.84 1.85
N LYS A 334 -33.08 17.04 2.88
CA LYS A 334 -32.25 15.89 3.20
C LYS A 334 -33.06 14.62 3.46
N ALA A 335 -34.33 14.75 3.86
CA ALA A 335 -35.15 13.56 4.06
C ALA A 335 -35.35 12.81 2.75
N GLU A 336 -35.55 13.55 1.66
CA GLU A 336 -35.72 12.90 0.35
C GLU A 336 -34.42 12.23 -0.08
N GLY A 337 -33.27 12.84 0.24
CA GLY A 337 -32.01 12.20 -0.07
C GLY A 337 -31.81 10.91 0.72
N ALA A 338 -32.14 10.93 2.00
CA ALA A 338 -32.05 9.73 2.81
C ALA A 338 -33.00 8.65 2.30
N ALA A 339 -34.21 9.04 1.90
CA ALA A 339 -35.17 8.08 1.36
C ALA A 339 -34.66 7.49 0.05
N MET A 340 -34.06 8.30 -0.80
CA MET A 340 -33.50 7.80 -2.05
C MET A 340 -32.35 6.83 -1.79
N LEU A 341 -31.51 7.15 -0.80
CA LEU A 341 -30.42 6.24 -0.45
C LEU A 341 -30.97 4.92 0.10
N GLU A 342 -32.04 4.99 0.89
CA GLU A 342 -32.66 3.77 1.40
C GLU A 342 -33.26 2.95 0.27
N LEU A 343 -33.87 3.62 -0.71
CA LEU A 343 -34.38 2.92 -1.89
C LEU A 343 -33.25 2.24 -2.64
N VAL A 344 -32.13 2.93 -2.80
CA VAL A 344 -30.97 2.34 -3.47
C VAL A 344 -30.49 1.11 -2.72
N GLY A 345 -30.41 1.21 -1.39
CA GLY A 345 -29.99 0.07 -0.60
C GLY A 345 -30.93 -1.11 -0.73
N SER A 346 -32.23 -0.84 -0.68
CA SER A 346 -33.22 -1.92 -0.81
C SER A 346 -33.14 -2.58 -2.19
N ILE A 347 -33.01 -1.77 -3.25
CA ILE A 347 -32.90 -2.33 -4.59
C ILE A 347 -31.64 -3.17 -4.72
N LEU A 348 -30.52 -2.66 -4.20
CA LEU A 348 -29.26 -3.39 -4.31
C LEU A 348 -29.32 -4.70 -3.54
N ARG A 349 -29.90 -4.67 -2.34
CA ARG A 349 -29.96 -5.89 -1.53
C ARG A 349 -30.90 -6.91 -2.15
N GLY A 350 -32.03 -6.47 -2.68
CA GLY A 350 -33.05 -7.40 -3.09
C GLY A 350 -33.09 -7.77 -4.57
N CYS A 351 -32.30 -7.12 -5.39
CA CYS A 351 -32.44 -7.47 -6.80
C CYS A 351 -31.13 -7.83 -7.47
N VAL A 352 -30.04 -7.17 -7.14
CA VAL A 352 -28.79 -7.36 -7.88
C VAL A 352 -28.22 -8.74 -7.58
N PRO A 353 -27.93 -9.56 -8.58
CA PRO A 353 -27.38 -10.90 -8.31
C PRO A 353 -25.97 -10.81 -7.74
N GLY A 354 -25.71 -11.67 -6.76
CA GLY A 354 -24.37 -11.89 -6.26
C GLY A 354 -23.83 -10.85 -5.30
N VAL A 355 -24.64 -9.89 -4.87
CA VAL A 355 -24.16 -8.84 -3.97
C VAL A 355 -24.62 -9.13 -2.55
N TYR A 356 -23.79 -8.74 -1.59
CA TYR A 356 -24.10 -8.93 -0.18
C TYR A 356 -23.40 -7.83 0.62
N ARG A 357 -23.76 -7.75 1.90
CA ARG A 357 -23.22 -6.73 2.82
C ARG A 357 -23.53 -5.32 2.32
N VAL A 358 -24.82 -5.00 2.27
CA VAL A 358 -25.29 -3.69 1.86
C VAL A 358 -25.55 -2.86 3.11
N GLN A 359 -24.82 -1.77 3.26
CA GLN A 359 -25.02 -0.85 4.38
C GLN A 359 -24.90 0.58 3.87
N THR A 360 -25.53 1.49 4.60
CA THR A 360 -25.64 2.88 4.20
C THR A 360 -25.01 3.78 5.24
N VAL A 361 -24.38 4.87 4.77
CA VAL A 361 -23.82 5.89 5.64
C VAL A 361 -24.57 7.19 5.38
N PRO A 362 -25.81 7.32 5.83
CA PRO A 362 -26.65 8.46 5.43
C PRO A 362 -26.29 9.77 6.10
N SER A 363 -25.29 9.80 6.98
CA SER A 363 -24.89 11.02 7.69
C SER A 363 -23.41 11.27 7.42
N ALA A 364 -23.12 11.96 6.33
CA ALA A 364 -21.77 12.34 5.96
C ALA A 364 -21.87 13.47 4.93
N ARG A 365 -20.73 13.88 4.39
CA ARG A 365 -20.74 14.83 3.30
C ARG A 365 -21.30 14.26 2.01
N ARG A 366 -21.07 12.97 1.75
CA ARG A 366 -21.64 12.27 0.59
C ARG A 366 -22.13 10.92 1.06
N PRO A 367 -23.43 10.79 1.30
CA PRO A 367 -23.98 9.48 1.68
C PRO A 367 -23.69 8.45 0.60
N VAL A 368 -23.33 7.25 1.04
CA VAL A 368 -22.93 6.16 0.15
C VAL A 368 -23.62 4.88 0.61
N VAL A 369 -23.63 3.89 -0.27
CA VAL A 369 -24.06 2.54 0.06
C VAL A 369 -22.96 1.58 -0.39
N LYS A 370 -22.49 0.75 0.54
CA LYS A 370 -21.39 -0.16 0.30
C LYS A 370 -21.91 -1.56 0.04
N PHE A 371 -21.19 -2.32 -0.79
CA PHE A 371 -21.62 -3.65 -1.18
C PHE A 371 -20.41 -4.49 -1.53
N CYS A 372 -20.63 -5.80 -1.62
CA CYS A 372 -19.66 -6.74 -2.15
C CYS A 372 -20.30 -7.50 -3.31
N HIS A 373 -19.53 -8.42 -3.89
CA HIS A 373 -20.00 -9.22 -5.02
C HIS A 373 -19.33 -10.58 -4.95
N ARG A 374 -20.06 -11.58 -4.46
CA ARG A 374 -19.46 -12.88 -4.18
C ARG A 374 -18.86 -13.55 -5.42
N PRO A 375 -19.52 -13.58 -6.59
CA PRO A 375 -18.91 -14.27 -7.75
C PRO A 375 -17.57 -13.68 -8.16
N SER A 376 -17.53 -12.38 -8.46
CA SER A 376 -16.31 -11.76 -8.95
C SER A 376 -15.40 -11.28 -7.82
N GLY A 377 -15.86 -11.28 -6.58
CA GLY A 377 -15.03 -10.89 -5.46
C GLY A 377 -14.85 -9.39 -5.29
N LEU A 378 -15.56 -8.58 -6.06
CA LEU A 378 -15.39 -7.14 -6.01
C LEU A 378 -16.24 -6.51 -4.91
N HIS A 379 -15.83 -5.31 -4.52
CA HIS A 379 -16.56 -4.54 -3.49
C HIS A 379 -16.59 -3.10 -3.98
N GLY A 380 -17.33 -2.22 -3.33
CA GLY A 380 -17.27 -0.82 -3.78
C GLY A 380 -18.35 0.05 -3.20
N ASP A 381 -18.50 1.27 -3.72
CA ASP A 381 -19.47 2.23 -3.15
C ASP A 381 -20.39 2.77 -4.24
N VAL A 382 -21.59 3.22 -3.87
CA VAL A 382 -22.52 3.85 -4.79
C VAL A 382 -22.96 5.17 -4.19
N SER A 383 -22.71 6.27 -4.89
CA SER A 383 -23.16 7.59 -4.49
C SER A 383 -24.35 8.02 -5.33
N LEU A 384 -24.95 9.15 -4.97
CA LEU A 384 -26.22 9.53 -5.56
C LEU A 384 -26.18 10.75 -6.46
N SER A 385 -25.61 11.87 -6.03
CA SER A 385 -25.78 13.11 -6.78
C SER A 385 -24.50 13.92 -6.89
N ASN A 386 -23.35 13.26 -6.99
CA ASN A 386 -22.07 13.97 -7.11
C ASN A 386 -21.57 13.86 -8.54
N ARG A 387 -21.81 14.91 -9.32
CA ARG A 387 -21.11 15.09 -10.58
C ARG A 387 -19.68 15.55 -10.37
N LEU A 388 -19.40 16.13 -9.19
CA LEU A 388 -18.04 16.53 -8.85
C LEU A 388 -17.08 15.35 -8.93
N ALA A 389 -17.53 14.16 -8.54
CA ALA A 389 -16.66 12.99 -8.64
C ALA A 389 -16.31 12.68 -10.09
N LEU A 390 -17.31 12.79 -10.97
CA LEU A 390 -17.07 12.55 -12.41
C LEU A 390 -16.02 13.56 -12.90
N HIS A 391 -16.21 14.83 -12.58
CA HIS A 391 -15.29 15.85 -13.06
C HIS A 391 -13.90 15.66 -12.47
N ASN A 392 -13.82 15.24 -11.20
CA ASN A 392 -12.52 14.91 -10.60
C ASN A 392 -11.84 13.78 -11.35
N SER A 393 -12.60 12.73 -11.69
CA SER A 393 -12.00 11.59 -12.39
C SER A 393 -11.52 11.98 -13.77
N ARG A 394 -12.30 12.80 -14.49
CA ARG A 394 -11.85 13.25 -15.80
C ARG A 394 -10.63 14.14 -15.69
N PHE A 395 -10.57 14.99 -14.65
CA PHE A 395 -9.39 15.80 -14.42
C PHE A 395 -8.17 14.93 -14.13
N LEU A 396 -8.35 13.87 -13.35
CA LEU A 396 -7.26 12.94 -13.08
C LEU A 396 -6.77 12.28 -14.35
N SER A 397 -7.70 11.84 -15.21
CA SER A 397 -7.30 11.25 -16.48
C SER A 397 -6.56 12.25 -17.35
N LEU A 398 -7.03 13.50 -17.38
CA LEU A 398 -6.37 14.54 -18.15
C LEU A 398 -4.95 14.78 -17.66
N CYS A 399 -4.76 14.82 -16.34
CA CYS A 399 -3.41 14.97 -15.78
C CYS A 399 -2.55 13.78 -16.12
N SER A 400 -3.13 12.56 -16.08
CA SER A 400 -2.36 11.36 -16.36
C SER A 400 -1.86 11.35 -17.80
N GLU A 401 -2.71 11.76 -18.74
CA GLU A 401 -2.31 11.79 -20.14
C GLU A 401 -1.65 13.10 -20.54
N LEU A 402 -1.54 14.05 -19.61
CA LEU A 402 -0.88 15.31 -19.91
C LEU A 402 0.63 15.21 -19.79
N ASP A 403 1.13 14.27 -18.98
CA ASP A 403 2.56 14.05 -18.86
C ASP A 403 2.79 12.58 -18.52
N GLY A 404 4.00 12.11 -18.79
CA GLY A 404 4.31 10.70 -18.64
C GLY A 404 4.75 10.28 -17.25
N ARG A 405 5.24 11.23 -16.45
CA ARG A 405 5.78 10.91 -15.15
C ARG A 405 4.70 10.64 -14.10
N VAL A 406 3.53 11.24 -14.28
CA VAL A 406 2.54 11.29 -13.21
C VAL A 406 2.02 9.89 -12.88
N ARG A 407 1.72 9.08 -13.89
CA ARG A 407 1.15 7.77 -13.61
C ARG A 407 2.12 6.86 -12.85
N PRO A 408 3.37 6.66 -13.29
CA PRO A 408 4.29 5.88 -12.45
C PRO A 408 4.54 6.50 -11.10
N LEU A 409 4.60 7.84 -11.01
CA LEU A 409 4.85 8.47 -9.73
C LEU A 409 3.72 8.17 -8.74
N VAL A 410 2.47 8.31 -9.17
CA VAL A 410 1.35 8.08 -8.26
C VAL A 410 1.24 6.61 -7.91
N TYR A 411 1.50 5.71 -8.87
CA TYR A 411 1.45 4.29 -8.54
C TYR A 411 2.51 3.92 -7.50
N THR A 412 3.74 4.43 -7.67
CA THR A 412 4.79 4.14 -6.71
C THR A 412 4.46 4.70 -5.34
N LEU A 413 3.95 5.93 -5.28
CA LEU A 413 3.65 6.54 -3.99
C LEU A 413 2.49 5.83 -3.30
N ARG A 414 1.49 5.39 -4.08
CA ARG A 414 0.40 4.63 -3.49
C ARG A 414 0.89 3.31 -2.93
N CYS A 415 1.76 2.61 -3.68
CA CYS A 415 2.29 1.35 -3.17
C CYS A 415 3.09 1.56 -1.89
N TRP A 416 3.92 2.61 -1.86
CA TRP A 416 4.73 2.88 -0.68
C TRP A 416 3.86 3.22 0.52
N ALA A 417 2.86 4.10 0.33
CA ALA A 417 1.99 4.49 1.43
C ALA A 417 1.18 3.32 1.95
N GLN A 418 0.68 2.48 1.03
CA GLN A 418 -0.04 1.28 1.45
C GLN A 418 0.86 0.35 2.24
N GLY A 419 2.12 0.18 1.80
CA GLY A 419 3.04 -0.69 2.51
C GLY A 419 3.34 -0.19 3.91
N ARG A 420 3.56 1.11 4.05
CA ARG A 420 3.96 1.65 5.34
C ARG A 420 2.79 1.91 6.28
N GLY A 421 1.58 1.51 5.89
CA GLY A 421 0.44 1.56 6.78
C GLY A 421 -0.02 2.96 7.14
N LEU A 422 -0.02 3.88 6.19
CA LEU A 422 -0.57 5.21 6.42
C LEU A 422 -1.61 5.61 5.38
N SER A 423 -1.96 4.72 4.45
CA SER A 423 -3.04 4.94 3.50
C SER A 423 -4.03 3.79 3.60
N GLY A 424 -5.30 4.14 3.70
CA GLY A 424 -6.34 3.14 3.87
C GLY A 424 -7.69 3.77 4.08
N SER A 425 -8.41 3.31 5.09
CA SER A 425 -9.73 3.84 5.41
C SER A 425 -9.76 4.29 6.87
N GLY A 426 -10.55 5.32 7.14
CA GLY A 426 -10.71 5.82 8.47
C GLY A 426 -9.68 6.88 8.81
N PRO A 427 -8.89 6.64 9.85
CA PRO A 427 -7.87 7.62 10.28
C PRO A 427 -6.57 7.52 9.50
N LEU A 428 -6.69 7.45 8.18
CA LEU A 428 -5.53 7.38 7.30
C LEU A 428 -5.80 8.19 6.04
N LEU A 429 -4.75 8.48 5.30
CA LEU A 429 -4.88 9.18 4.04
C LEU A 429 -5.59 8.29 3.03
N SER A 430 -6.76 8.73 2.56
CA SER A 430 -7.39 8.05 1.45
C SER A 430 -6.49 8.16 0.22
N ASN A 431 -6.45 7.10 -0.58
CA ASN A 431 -5.55 7.09 -1.74
C ASN A 431 -5.90 8.20 -2.73
N TYR A 432 -7.15 8.66 -2.75
CA TYR A 432 -7.47 9.85 -3.53
C TYR A 432 -6.74 11.07 -2.99
N ALA A 433 -6.68 11.20 -1.67
CA ALA A 433 -5.93 12.30 -1.08
C ALA A 433 -4.44 12.19 -1.38
N LEU A 434 -3.92 10.96 -1.41
CA LEU A 434 -2.52 10.78 -1.78
C LEU A 434 -2.28 11.17 -3.23
N THR A 435 -3.21 10.82 -4.12
CA THR A 435 -3.12 11.22 -5.51
C THR A 435 -3.15 12.74 -5.65
N LEU A 436 -4.02 13.40 -4.90
CA LEU A 436 -4.07 14.86 -4.96
C LEU A 436 -2.80 15.47 -4.37
N LEU A 437 -2.23 14.83 -3.36
CA LEU A 437 -0.99 15.34 -2.76
C LEU A 437 0.17 15.26 -3.76
N VAL A 438 0.30 14.14 -4.46
CA VAL A 438 1.38 14.05 -5.45
C VAL A 438 1.12 14.99 -6.62
N ILE A 439 -0.15 15.19 -7.00
CA ILE A 439 -0.46 16.18 -8.03
C ILE A 439 -0.02 17.57 -7.58
N TYR A 440 -0.32 17.93 -6.32
CA TYR A 440 0.07 19.23 -5.81
C TYR A 440 1.58 19.37 -5.78
N PHE A 441 2.29 18.29 -5.43
CA PHE A 441 3.74 18.32 -5.49
C PHE A 441 4.22 18.59 -6.92
N LEU A 442 3.59 17.95 -7.91
CA LEU A 442 3.97 18.19 -9.29
C LEU A 442 3.65 19.61 -9.73
N GLN A 443 2.64 20.23 -9.12
CA GLN A 443 2.25 21.60 -9.51
C GLN A 443 3.22 22.64 -8.98
N THR A 444 3.73 22.46 -7.77
CA THR A 444 4.55 23.48 -7.11
C THR A 444 6.04 23.23 -7.33
N ARG A 445 6.43 23.14 -8.59
CA ARG A 445 7.84 23.12 -8.97
C ARG A 445 8.16 24.36 -9.77
N ASP A 446 9.44 24.73 -9.80
CA ASP A 446 9.83 25.95 -10.52
C ASP A 446 9.50 25.84 -12.00
N PRO A 447 9.89 24.79 -12.71
CA PRO A 447 9.21 24.48 -13.97
C PRO A 447 7.97 23.65 -13.70
N PRO A 448 6.78 24.21 -13.89
CA PRO A 448 5.56 23.49 -13.51
C PRO A 448 5.37 22.24 -14.37
N VAL A 449 5.43 21.08 -13.72
CA VAL A 449 5.16 19.83 -14.42
C VAL A 449 3.71 19.79 -14.88
N LEU A 450 2.78 20.17 -14.00
CA LEU A 450 1.38 20.23 -14.34
C LEU A 450 0.85 21.64 -14.18
N PRO A 451 -0.04 22.08 -15.05
CA PRO A 451 -0.62 23.42 -14.90
C PRO A 451 -1.55 23.48 -13.71
N THR A 452 -1.72 24.68 -13.18
CA THR A 452 -2.69 24.91 -12.13
C THR A 452 -4.10 24.82 -12.69
N VAL A 453 -5.04 24.43 -11.83
CA VAL A 453 -6.42 24.29 -12.26
C VAL A 453 -7.02 25.63 -12.69
N SER A 454 -6.48 26.74 -12.18
CA SER A 454 -6.90 28.05 -12.68
C SER A 454 -6.49 28.22 -14.14
N GLN A 455 -5.28 27.79 -14.50
CA GLN A 455 -4.84 27.85 -15.89
C GLN A 455 -5.70 26.95 -16.76
N LEU A 456 -6.06 25.77 -16.27
CA LEU A 456 -6.95 24.90 -17.01
C LEU A 456 -8.31 25.57 -17.23
N THR A 457 -8.85 26.21 -16.19
CA THR A 457 -10.14 26.88 -16.32
C THR A 457 -10.07 28.00 -17.35
N GLN A 458 -8.97 28.76 -17.34
CA GLN A 458 -8.82 29.81 -18.35
C GLN A 458 -8.70 29.23 -19.75
N LYS A 459 -7.94 28.15 -19.90
CA LYS A 459 -7.68 27.59 -21.22
C LYS A 459 -8.79 26.69 -21.72
N ALA A 460 -9.84 26.49 -20.95
CA ALA A 460 -11.01 25.77 -21.42
C ALA A 460 -11.80 26.69 -22.35
N GLY A 461 -11.96 26.27 -23.60
CA GLY A 461 -12.66 27.08 -24.56
C GLY A 461 -14.16 27.11 -24.32
N GLU A 462 -14.86 27.79 -25.21
CA GLU A 462 -16.31 27.85 -25.13
C GLU A 462 -16.92 26.47 -25.36
N GLY A 463 -17.97 26.16 -24.61
CA GLY A 463 -18.62 24.88 -24.65
C GLY A 463 -18.20 23.94 -23.54
N GLU A 464 -17.07 24.20 -22.89
CA GLU A 464 -16.64 23.44 -21.73
C GLU A 464 -16.99 24.11 -20.41
N GLN A 465 -17.70 25.23 -20.45
CA GLN A 465 -18.07 25.96 -19.24
C GLN A 465 -19.26 25.25 -18.59
N VAL A 466 -19.00 24.51 -17.52
CA VAL A 466 -20.05 23.88 -16.73
C VAL A 466 -19.73 24.12 -15.26
N GLU A 467 -20.78 24.14 -14.44
CA GLU A 467 -20.62 24.31 -13.01
C GLU A 467 -21.66 23.46 -12.29
N VAL A 468 -21.27 22.90 -11.15
CA VAL A 468 -22.13 22.02 -10.37
C VAL A 468 -22.14 22.50 -8.93
N ASP A 469 -23.34 22.64 -8.36
CA ASP A 469 -23.53 23.08 -6.98
C ASP A 469 -22.87 24.43 -6.71
N GLY A 470 -22.94 25.34 -7.68
CA GLY A 470 -22.38 26.66 -7.50
C GLY A 470 -20.87 26.72 -7.57
N TRP A 471 -20.20 25.66 -8.01
CA TRP A 471 -18.76 25.62 -8.13
C TRP A 471 -18.38 25.35 -9.58
N ASP A 472 -17.44 26.14 -10.09
CA ASP A 472 -17.07 26.09 -11.50
C ASP A 472 -16.13 24.93 -11.73
N CYS A 473 -16.52 24.01 -12.62
CA CYS A 473 -15.70 22.87 -13.00
C CYS A 473 -15.48 22.95 -14.50
N SER A 474 -14.46 23.69 -14.92
CA SER A 474 -14.15 23.87 -16.33
C SER A 474 -12.68 23.60 -16.56
N PHE A 475 -12.38 22.78 -17.57
CA PHE A 475 -11.02 22.51 -17.98
C PHE A 475 -11.06 21.90 -19.38
N PRO A 476 -9.97 22.00 -20.16
CA PRO A 476 -10.00 21.45 -21.52
C PRO A 476 -10.21 19.95 -21.50
N ARG A 477 -10.87 19.46 -22.54
CA ARG A 477 -11.22 18.05 -22.63
C ARG A 477 -10.09 17.18 -23.17
N ASP A 478 -9.30 17.70 -24.10
CA ASP A 478 -8.26 16.92 -24.76
C ASP A 478 -6.89 17.50 -24.43
N ALA A 479 -5.92 16.61 -24.20
CA ALA A 479 -4.57 17.04 -23.88
C ALA A 479 -3.84 17.59 -25.10
N SER A 480 -4.39 17.44 -26.30
CA SER A 480 -3.73 17.87 -27.54
C SER A 480 -3.71 19.37 -27.70
N ARG A 481 -4.22 20.13 -26.72
CA ARG A 481 -4.26 21.57 -26.82
C ARG A 481 -3.30 22.27 -25.87
N LEU A 482 -2.93 21.65 -24.76
CA LEU A 482 -2.04 22.26 -23.79
C LEU A 482 -0.59 22.01 -24.17
N GLU A 483 0.25 22.99 -23.90
CA GLU A 483 1.67 22.86 -24.18
C GLU A 483 2.30 21.84 -23.24
N PRO A 484 3.28 21.07 -23.70
CA PRO A 484 3.99 20.17 -22.80
C PRO A 484 4.81 20.95 -21.78
N SER A 485 4.99 20.34 -20.62
CA SER A 485 5.78 20.95 -19.57
C SER A 485 7.26 20.98 -19.97
N ILE A 486 7.96 22.02 -19.53
CA ILE A 486 9.37 22.18 -19.85
C ILE A 486 10.21 21.52 -18.76
N ASN A 487 9.58 20.73 -17.90
CA ASN A 487 10.30 20.03 -16.84
C ASN A 487 11.10 18.89 -17.45
N VAL A 488 12.36 18.77 -17.03
CA VAL A 488 13.28 17.83 -17.67
C VAL A 488 13.76 16.76 -16.70
N GLU A 489 13.74 17.07 -15.40
CA GLU A 489 14.33 16.17 -14.42
C GLU A 489 13.56 14.85 -14.38
N PRO A 490 14.29 13.69 -14.34
CA PRO A 490 13.62 12.40 -14.42
C PRO A 490 12.81 12.02 -13.20
N LEU A 491 12.30 10.79 -13.19
CA LEU A 491 11.39 10.34 -12.14
C LEU A 491 12.11 10.11 -10.82
N SER A 492 13.38 9.71 -10.85
CA SER A 492 14.12 9.50 -9.60
C SER A 492 14.26 10.81 -8.83
N SER A 493 14.66 11.87 -9.53
CA SER A 493 14.76 13.18 -8.90
C SER A 493 13.41 13.66 -8.41
N LEU A 494 12.34 13.38 -9.16
CA LEU A 494 11.02 13.77 -8.73
C LEU A 494 10.62 13.05 -7.45
N LEU A 495 10.93 11.76 -7.35
CA LEU A 495 10.61 11.01 -6.13
C LEU A 495 11.38 11.55 -4.94
N ALA A 496 12.68 11.81 -5.12
CA ALA A 496 13.48 12.36 -4.03
C ALA A 496 12.97 13.73 -3.59
N GLN A 497 12.65 14.59 -4.55
CA GLN A 497 12.12 15.91 -4.23
C GLN A 497 10.78 15.81 -3.54
N PHE A 498 9.93 14.87 -3.96
CA PHE A 498 8.65 14.68 -3.27
C PHE A 498 8.88 14.34 -1.81
N PHE A 499 9.74 13.35 -1.54
CA PHE A 499 10.00 12.98 -0.16
C PHE A 499 10.50 14.17 0.64
N SER A 500 11.52 14.87 0.13
CA SER A 500 12.11 15.97 0.87
C SER A 500 11.11 17.09 1.11
N CYS A 501 10.39 17.51 0.07
CA CYS A 501 9.51 18.67 0.18
C CYS A 501 8.30 18.36 1.05
N VAL A 502 7.73 17.16 0.95
CA VAL A 502 6.62 16.84 1.82
C VAL A 502 7.09 16.70 3.26
N SER A 503 8.33 16.25 3.47
CA SER A 503 8.86 16.20 4.83
C SER A 503 9.04 17.59 5.41
N CYS A 504 9.37 18.58 4.59
CA CYS A 504 9.66 19.94 5.12
C CYS A 504 8.40 20.71 5.53
N TRP A 505 7.28 20.53 4.83
CA TRP A 505 6.18 21.53 4.78
C TRP A 505 5.55 21.76 6.16
N ASP A 506 4.97 22.94 6.40
CA ASP A 506 4.25 23.22 7.67
C ASP A 506 2.80 22.77 7.49
N LEU A 507 2.55 21.48 7.49
CA LEU A 507 1.20 20.95 7.17
C LEU A 507 0.10 21.58 8.03
N ARG A 508 0.33 21.82 9.32
CA ARG A 508 -0.75 22.31 10.18
C ARG A 508 -1.13 23.75 9.84
N GLY A 509 -0.14 24.61 9.61
CA GLY A 509 -0.39 26.01 9.39
C GLY A 509 -0.56 26.45 7.96
N SER A 510 -0.58 25.53 7.01
CA SER A 510 -0.64 25.88 5.58
C SER A 510 -1.72 25.06 4.91
N LEU A 511 -2.56 25.72 4.13
CA LEU A 511 -3.57 25.07 3.32
C LEU A 511 -3.03 24.91 1.90
N LEU A 512 -3.03 23.67 1.40
CA LEU A 512 -2.50 23.36 0.09
C LEU A 512 -3.62 23.49 -0.94
N SER A 513 -3.64 24.61 -1.66
CA SER A 513 -4.68 24.92 -2.61
C SER A 513 -4.28 24.40 -3.99
N LEU A 514 -5.07 23.46 -4.52
CA LEU A 514 -4.75 22.88 -5.82
C LEU A 514 -5.10 23.81 -6.97
N ARG A 515 -6.21 24.56 -6.84
CA ARG A 515 -6.63 25.44 -7.92
C ARG A 515 -5.61 26.53 -8.20
N GLU A 516 -4.81 26.91 -7.21
CA GLU A 516 -3.80 27.94 -7.39
C GLU A 516 -2.37 27.43 -7.26
N GLY A 517 -2.18 26.17 -6.86
CA GLY A 517 -0.83 25.65 -6.67
C GLY A 517 -0.04 26.45 -5.66
N GLN A 518 -0.68 26.87 -4.58
CA GLN A 518 -0.09 27.79 -3.62
C GLN A 518 -0.48 27.38 -2.22
N ALA A 519 0.36 27.72 -1.25
CA ALA A 519 0.10 27.42 0.15
C ALA A 519 -0.60 28.61 0.79
N LEU A 520 -1.90 28.49 1.01
CA LEU A 520 -2.59 29.61 1.61
C LEU A 520 -2.38 29.62 3.12
N PRO A 521 -2.26 30.81 3.73
CA PRO A 521 -2.09 30.88 5.18
C PRO A 521 -3.38 30.49 5.88
N VAL A 522 -3.28 29.54 6.81
CA VAL A 522 -4.49 29.01 7.43
C VAL A 522 -4.99 29.93 8.54
N ALA A 523 -4.09 30.68 9.16
CA ALA A 523 -4.47 31.53 10.28
C ALA A 523 -5.07 32.86 9.85
N GLY A 524 -5.06 33.18 8.55
CA GLY A 524 -5.54 34.46 8.09
C GLY A 524 -7.02 34.68 8.32
N GLY A 525 -7.79 33.61 8.49
CA GLY A 525 -9.23 33.74 8.66
C GLY A 525 -9.95 33.85 7.33
N LEU A 526 -9.28 34.46 6.35
CA LEU A 526 -9.83 34.55 5.01
C LEU A 526 -10.15 33.19 4.41
N PRO A 527 -9.28 32.17 4.48
CA PRO A 527 -9.66 30.86 3.96
C PRO A 527 -10.83 30.20 4.69
N SER A 528 -11.26 30.75 5.82
CA SER A 528 -12.40 30.23 6.55
C SER A 528 -13.71 30.91 6.15
N ASN A 529 -13.73 32.24 6.14
CA ASN A 529 -14.95 32.96 5.77
C ASN A 529 -15.17 33.01 4.27
N LEU A 530 -14.13 32.77 3.47
CA LEU A 530 -14.32 32.70 2.02
C LEU A 530 -15.19 31.51 1.63
N TRP A 531 -14.98 30.36 2.28
CA TRP A 531 -15.59 29.11 1.85
C TRP A 531 -16.56 28.51 2.85
N GLU A 532 -16.52 28.94 4.12
CA GLU A 532 -17.61 28.77 5.06
C GLU A 532 -17.82 27.33 5.52
N GLY A 533 -17.07 26.38 4.96
CA GLY A 533 -17.27 25.00 5.35
C GLY A 533 -15.98 24.22 5.46
N LEU A 534 -14.85 24.93 5.50
CA LEU A 534 -13.55 24.29 5.49
C LEU A 534 -13.23 23.79 6.90
N ARG A 535 -13.13 22.48 7.05
CA ARG A 535 -12.70 21.89 8.31
C ARG A 535 -11.19 21.74 8.28
N LEU A 536 -10.49 22.62 9.00
CA LEU A 536 -9.04 22.60 9.03
C LEU A 536 -8.57 21.42 9.88
N GLY A 537 -7.26 21.30 10.08
CA GLY A 537 -6.74 20.23 10.90
C GLY A 537 -5.24 20.07 10.75
N PRO A 538 -4.73 18.91 11.19
CA PRO A 538 -3.29 18.66 11.07
C PRO A 538 -2.78 18.70 9.65
N LEU A 539 -3.57 18.24 8.69
CA LEU A 539 -3.21 18.28 7.27
C LEU A 539 -4.32 18.95 6.49
N ASN A 540 -3.98 19.96 5.71
CA ASN A 540 -4.94 20.73 4.94
C ASN A 540 -4.65 20.58 3.46
N LEU A 541 -5.65 20.15 2.69
CA LEU A 541 -5.47 19.89 1.26
C LEU A 541 -6.83 20.01 0.59
N GLN A 542 -7.02 21.05 -0.19
CA GLN A 542 -8.31 21.33 -0.82
C GLN A 542 -8.36 20.72 -2.22
N ASP A 543 -9.41 19.96 -2.49
CA ASP A 543 -9.58 19.39 -3.81
C ASP A 543 -9.90 20.51 -4.81
N PRO A 544 -9.46 20.38 -6.06
CA PRO A 544 -9.43 21.55 -6.95
C PRO A 544 -10.78 22.16 -7.26
N PHE A 545 -11.88 21.42 -7.11
CA PHE A 545 -13.19 21.92 -7.53
C PHE A 545 -14.12 22.24 -6.37
N ASP A 546 -14.15 21.40 -5.34
CA ASP A 546 -14.91 21.76 -4.14
C ASP A 546 -14.06 22.69 -3.29
N LEU A 547 -14.62 23.84 -2.94
CA LEU A 547 -13.85 24.87 -2.27
C LEU A 547 -13.87 24.75 -0.75
N SER A 548 -14.60 23.79 -0.19
CA SER A 548 -14.68 23.65 1.25
C SER A 548 -14.62 22.19 1.66
N HIS A 549 -13.74 21.42 1.02
CA HIS A 549 -13.68 19.98 1.21
C HIS A 549 -12.23 19.51 1.38
N ASN A 550 -11.51 20.10 2.34
CA ASN A 550 -10.22 19.56 2.74
C ASN A 550 -10.29 18.04 2.87
N VAL A 551 -9.53 17.34 2.03
CA VAL A 551 -9.64 15.89 1.91
C VAL A 551 -8.83 15.15 2.95
N ALA A 552 -8.11 15.85 3.82
CA ALA A 552 -7.31 15.23 4.87
C ALA A 552 -7.89 15.50 6.26
N ALA A 553 -9.19 15.73 6.35
CA ALA A 553 -9.82 15.93 7.64
C ALA A 553 -9.87 14.65 8.46
N ASN A 554 -9.79 13.49 7.81
CA ASN A 554 -9.76 12.23 8.55
C ASN A 554 -8.50 12.11 9.40
N VAL A 555 -7.37 12.56 8.86
CA VAL A 555 -6.08 12.28 9.47
C VAL A 555 -6.01 12.90 10.86
N THR A 556 -5.57 12.10 11.84
CA THR A 556 -5.30 12.59 13.17
C THR A 556 -3.85 13.02 13.28
N SER A 557 -3.47 13.58 14.43
CA SER A 557 -2.12 14.11 14.59
C SER A 557 -1.07 13.00 14.53
N ARG A 558 -1.36 11.83 15.11
CA ARG A 558 -0.39 10.76 15.09
C ARG A 558 -0.09 10.29 13.67
N VAL A 559 -1.13 10.22 12.83
CA VAL A 559 -0.93 9.78 11.46
C VAL A 559 -0.14 10.82 10.67
N ALA A 560 -0.40 12.11 10.93
CA ALA A 560 0.37 13.16 10.25
C ALA A 560 1.84 13.10 10.66
N GLY A 561 2.10 12.95 11.96
CA GLY A 561 3.48 12.85 12.41
C GLY A 561 4.17 11.62 11.85
N ARG A 562 3.46 10.50 11.79
CA ARG A 562 4.02 9.28 11.22
C ARG A 562 4.32 9.48 9.74
N LEU A 563 3.44 10.17 9.03
CA LEU A 563 3.69 10.47 7.62
C LEU A 563 4.95 11.31 7.46
N GLN A 564 5.09 12.35 8.29
CA GLN A 564 6.28 13.20 8.21
C GLN A 564 7.55 12.40 8.50
N ASN A 565 7.52 11.57 9.54
CA ASN A 565 8.72 10.82 9.92
C ASN A 565 9.09 9.78 8.88
N CYS A 566 8.09 9.06 8.34
CA CYS A 566 8.39 8.08 7.30
C CYS A 566 8.85 8.75 6.02
N CYS A 567 8.33 9.94 5.72
CA CYS A 567 8.83 10.69 4.57
C CYS A 567 10.27 11.12 4.78
N ARG A 568 10.64 11.52 6.01
CA ARG A 568 12.03 11.82 6.29
C ARG A 568 12.91 10.60 6.11
N ALA A 569 12.45 9.43 6.59
CA ALA A 569 13.21 8.20 6.40
C ALA A 569 13.41 7.88 4.93
N ALA A 570 12.35 7.97 4.13
CA ALA A 570 12.47 7.74 2.70
C ALA A 570 13.36 8.77 2.03
N ALA A 571 13.30 10.02 2.47
CA ALA A 571 14.13 11.07 1.89
C ALA A 571 15.60 10.79 2.13
N ASN A 572 15.97 10.40 3.34
CA ASN A 572 17.37 10.08 3.57
C ASN A 572 17.78 8.74 2.97
N TYR A 573 16.82 7.86 2.68
CA TYR A 573 17.18 6.65 1.93
C TYR A 573 17.45 6.97 0.46
N CYS A 574 16.69 7.91 -0.12
CA CYS A 574 16.84 8.19 -1.54
C CYS A 574 18.24 8.68 -1.90
N ARG A 575 18.91 9.35 -0.97
CA ARG A 575 20.27 9.81 -1.23
C ARG A 575 21.29 8.67 -1.22
N SER A 576 20.92 7.49 -0.71
CA SER A 576 21.86 6.38 -0.66
C SER A 576 22.17 5.90 -2.06
N LEU A 577 23.40 5.38 -2.25
CA LEU A 577 23.81 4.90 -3.55
C LEU A 577 23.02 3.69 -4.00
N GLN A 578 22.36 3.00 -3.09
CA GLN A 578 21.56 1.83 -3.47
C GLN A 578 20.40 2.23 -4.37
N TYR A 579 19.73 3.34 -4.03
CA TYR A 579 18.67 3.87 -4.87
C TYR A 579 19.20 4.52 -6.13
N GLN A 580 20.49 4.82 -6.20
CA GLN A 580 21.08 5.52 -7.33
C GLN A 580 21.72 4.61 -8.36
N ARG A 581 22.17 3.43 -7.96
CA ARG A 581 22.80 2.48 -8.87
C ARG A 581 22.20 1.09 -8.67
N ARG A 582 21.90 0.42 -9.78
CA ARG A 582 21.29 -0.90 -9.72
C ARG A 582 22.28 -1.92 -9.18
N SER A 583 21.74 -2.96 -8.53
CA SER A 583 22.56 -4.04 -7.99
C SER A 583 22.83 -5.07 -9.08
N SER A 584 24.09 -5.51 -9.16
CA SER A 584 24.47 -6.55 -10.11
C SER A 584 24.24 -7.94 -9.53
N ARG A 585 24.78 -8.20 -8.34
CA ARG A 585 24.66 -9.50 -7.70
C ARG A 585 23.28 -9.74 -7.12
N GLY A 586 22.44 -8.72 -7.02
CA GLY A 586 21.11 -8.87 -6.48
C GLY A 586 21.04 -8.44 -5.04
N ARG A 587 20.56 -7.22 -4.80
CA ARG A 587 20.60 -6.66 -3.46
C ARG A 587 19.35 -5.86 -3.12
N ASP A 588 18.23 -6.13 -3.79
CA ASP A 588 16.97 -5.41 -3.57
C ASP A 588 17.16 -3.90 -3.76
N TRP A 589 17.70 -3.52 -4.92
CA TRP A 589 17.86 -2.12 -5.25
C TRP A 589 16.53 -1.54 -5.74
N GLY A 590 16.57 -0.27 -6.11
CA GLY A 590 15.36 0.36 -6.63
C GLY A 590 14.31 0.56 -5.55
N LEU A 591 13.05 0.46 -5.98
CA LEU A 591 11.93 0.69 -5.08
C LEU A 591 11.75 -0.42 -4.06
N LEU A 592 12.46 -1.53 -4.18
CA LEU A 592 12.23 -2.69 -3.33
C LEU A 592 12.26 -2.38 -1.84
N PRO A 593 13.25 -1.66 -1.30
CA PRO A 593 13.17 -1.29 0.12
C PRO A 593 11.97 -0.43 0.45
N LEU A 594 11.58 0.47 -0.45
CA LEU A 594 10.43 1.33 -0.21
C LEU A 594 9.11 0.60 -0.35
N LEU A 595 9.10 -0.59 -0.94
CA LEU A 595 7.88 -1.40 -1.04
C LEU A 595 7.78 -2.41 0.09
N GLN A 596 8.85 -3.14 0.37
CA GLN A 596 8.86 -4.04 1.51
C GLN A 596 8.88 -3.22 2.79
N PRO A 597 8.06 -3.56 3.80
CA PRO A 597 8.00 -2.73 5.01
C PRO A 597 9.36 -2.60 5.70
N SER A 598 9.90 -3.73 6.14
CA SER A 598 11.27 -3.85 6.65
C SER A 598 11.67 -2.64 7.47
N SER A 599 10.92 -2.41 8.55
CA SER A 599 11.17 -1.26 9.42
C SER A 599 12.58 -1.34 10.01
N PRO A 600 13.49 -0.44 9.63
CA PRO A 600 14.87 -0.53 10.11
C PRO A 600 15.00 0.03 11.52
N SER A 601 15.25 -0.86 12.48
CA SER A 601 15.52 -0.47 13.86
C SER A 601 16.96 -0.68 14.25
N SER A 602 17.84 -0.94 13.28
CA SER A 602 19.24 -1.19 13.57
C SER A 602 19.93 0.05 14.12
N LEU A 603 20.75 -0.15 15.14
CA LEU A 603 21.53 0.94 15.73
C LEU A 603 22.65 1.35 14.78
N LEU A 604 23.05 2.60 14.87
CA LEU A 604 24.16 3.12 14.07
C LEU A 604 25.48 2.73 14.73
N SER A 605 26.58 3.33 14.26
CA SER A 605 27.90 3.04 14.82
C SER A 605 27.95 3.38 16.30
N ALA A 606 28.05 2.36 17.14
CA ALA A 606 28.11 2.54 18.58
C ALA A 606 29.39 2.00 19.20
N THR A 607 30.16 1.20 18.47
CA THR A 607 31.36 0.60 19.03
C THR A 607 32.62 1.05 18.32
N PRO A 608 33.40 1.93 18.98
CA PRO A 608 34.68 2.34 18.40
C PRO A 608 35.72 1.25 18.60
N ILE A 609 36.57 1.02 17.61
CA ILE A 609 37.55 -0.06 17.70
C ILE A 609 38.82 0.47 18.38
N PRO A 610 39.27 -0.13 19.51
CA PRO A 610 40.55 0.24 20.12
C PRO A 610 41.73 -0.19 19.26
N LEU A 611 42.70 0.71 19.07
CA LEU A 611 43.93 0.43 18.32
C LEU A 611 45.18 0.49 19.23
N PRO A 612 46.25 -0.26 18.92
CA PRO A 612 47.51 -0.19 19.67
C PRO A 612 48.14 1.22 19.62
N LEU A 613 48.47 1.79 20.80
CA LEU A 613 49.04 3.14 20.95
C LEU A 613 50.25 3.42 20.03
N ALA A 614 50.06 4.22 18.99
CA ALA A 614 51.13 4.71 18.11
C ALA A 614 50.98 6.22 17.85
N PRO A 615 52.04 6.97 17.47
CA PRO A 615 51.93 8.35 17.03
C PRO A 615 50.83 8.51 15.97
N PHE A 616 50.05 9.60 16.03
CA PHE A 616 48.83 9.75 15.22
C PHE A 616 49.10 9.64 13.71
N THR A 617 50.18 10.26 13.22
CA THR A 617 50.64 10.17 11.82
C THR A 617 51.02 8.75 11.41
N GLN A 618 51.78 8.02 12.25
CA GLN A 618 52.15 6.63 11.99
C GLN A 618 50.92 5.69 12.02
N LEU A 619 50.00 5.90 12.96
CA LEU A 619 48.78 5.10 13.10
C LEU A 619 47.85 5.28 11.89
N THR A 620 47.64 6.53 11.48
CA THR A 620 46.80 6.88 10.33
C THR A 620 47.39 6.36 9.01
N ALA A 621 48.70 6.47 8.82
CA ALA A 621 49.39 5.86 7.68
C ALA A 621 49.25 4.32 7.66
N ALA A 622 49.52 3.66 8.79
CA ALA A 622 49.42 2.19 8.90
C ALA A 622 47.98 1.68 8.66
N LEU A 623 46.95 2.41 9.10
CA LEU A 623 45.56 2.07 8.79
C LEU A 623 45.27 2.13 7.30
N VAL A 624 45.73 3.18 6.60
CA VAL A 624 45.55 3.32 5.15
C VAL A 624 46.25 2.19 4.39
N GLN A 625 47.46 1.80 4.80
CA GLN A 625 48.16 0.62 4.25
C GLN A 625 47.37 -0.66 4.46
N VAL A 626 46.88 -0.92 5.68
CA VAL A 626 46.10 -2.15 5.98
C VAL A 626 44.79 -2.21 5.19
N PHE A 627 44.06 -1.10 5.06
CA PHE A 627 42.85 -1.08 4.24
C PHE A 627 43.17 -1.25 2.73
N ARG A 628 44.24 -0.63 2.22
CA ARG A 628 44.56 -0.63 0.78
C ARG A 628 45.19 -1.94 0.32
N GLU A 629 46.22 -2.40 1.02
CA GLU A 629 47.07 -3.52 0.61
C GLU A 629 46.52 -4.84 1.16
N ALA A 630 46.35 -4.94 2.49
CA ALA A 630 45.94 -6.19 3.12
C ALA A 630 44.45 -6.52 2.93
N LEU A 631 43.58 -5.53 2.71
CA LEU A 631 42.13 -5.72 2.50
C LEU A 631 41.65 -5.39 1.08
N GLY A 632 42.47 -4.73 0.25
CA GLY A 632 42.09 -4.42 -1.14
C GLY A 632 40.94 -3.43 -1.28
N CYS A 633 40.74 -2.54 -0.30
CA CYS A 633 39.76 -1.46 -0.37
C CYS A 633 40.21 -0.39 -1.39
N HIS A 634 39.26 0.15 -2.15
CA HIS A 634 39.45 1.51 -2.70
C HIS A 634 39.33 2.50 -1.54
N ILE A 635 40.23 3.49 -1.47
CA ILE A 635 40.27 4.47 -0.37
C ILE A 635 40.45 5.87 -0.91
N GLU A 636 39.49 6.73 -0.59
CA GLU A 636 39.52 8.18 -0.82
C GLU A 636 39.66 8.90 0.53
N GLN A 637 40.47 9.95 0.58
CA GLN A 637 40.49 10.83 1.76
C GLN A 637 39.19 11.64 1.80
N ALA A 638 38.48 11.58 2.93
CA ALA A 638 37.20 12.28 3.06
C ALA A 638 37.47 13.78 3.25
N SER A 763 40.85 15.18 13.49
CA SER A 763 40.44 13.80 13.28
C SER A 763 40.53 13.40 11.81
N ALA A 764 41.32 12.37 11.50
CA ALA A 764 41.48 11.84 10.15
C ALA A 764 40.26 10.99 9.77
N SER A 765 39.85 11.04 8.49
CA SER A 765 38.76 10.19 7.98
C SER A 765 38.92 9.86 6.49
N TRP A 766 38.46 8.67 6.10
CA TRP A 766 38.54 8.13 4.74
C TRP A 766 37.26 7.40 4.35
N ARG A 767 36.85 7.56 3.09
CA ARG A 767 35.81 6.72 2.46
C ARG A 767 36.48 5.46 1.91
N CYS A 768 35.95 4.31 2.26
CA CYS A 768 36.42 3.00 1.84
C CYS A 768 35.33 2.25 1.07
N ALA A 769 35.70 1.53 0.01
CA ALA A 769 34.78 0.70 -0.77
C ALA A 769 35.38 -0.69 -1.06
N LEU A 770 34.52 -1.71 -1.01
CA LEU A 770 34.84 -3.12 -1.23
C LEU A 770 33.83 -3.75 -2.20
N TRP A 771 34.34 -4.55 -3.14
CA TRP A 771 33.55 -5.28 -4.14
C TRP A 771 33.43 -6.78 -3.86
N HIS A 772 34.24 -7.33 -2.94
CA HIS A 772 34.26 -8.76 -2.60
C HIS A 772 34.26 -8.96 -1.08
N ARG A 773 33.83 -10.13 -0.61
CA ARG A 773 33.69 -10.47 0.83
C ARG A 773 35.03 -10.82 1.50
N VAL A 774 36.01 -9.92 1.44
CA VAL A 774 37.42 -10.11 1.87
C VAL A 774 37.59 -10.45 3.36
N TRP A 775 36.57 -10.23 4.18
CA TRP A 775 36.51 -10.60 5.60
C TRP A 775 36.18 -12.09 5.83
N GLN A 776 35.47 -12.72 4.89
CA GLN A 776 35.07 -14.14 4.96
C GLN A 776 36.13 -15.02 4.28
N GLY A 777 36.12 -16.34 4.53
CA GLY A 777 36.96 -17.31 3.81
C GLY A 777 38.48 -17.29 4.08
N ARG A 778 39.06 -16.19 4.63
CA ARG A 778 40.52 -15.98 4.81
C ARG A 778 41.29 -17.17 5.38
N ARG A 779 40.71 -17.95 6.30
CA ARG A 779 41.33 -19.16 6.87
C ARG A 779 41.56 -20.28 5.83
N ARG A 780 40.66 -20.43 4.84
CA ARG A 780 40.77 -21.44 3.76
C ARG A 780 41.78 -20.99 2.71
N ALA A 781 41.75 -19.72 2.31
CA ALA A 781 42.72 -19.12 1.39
C ALA A 781 44.16 -19.22 1.93
N ARG A 782 44.39 -18.81 3.20
CA ARG A 782 45.73 -18.92 3.82
C ARG A 782 46.25 -20.35 3.88
N ARG A 783 45.39 -21.34 4.20
CA ARG A 783 45.79 -22.76 4.19
C ARG A 783 46.21 -23.25 2.79
N ARG A 784 45.55 -22.78 1.73
CA ARG A 784 45.95 -23.08 0.34
C ARG A 784 47.30 -22.46 -0.02
N LEU A 785 47.48 -21.16 0.22
CA LEU A 785 48.76 -20.46 0.02
C LEU A 785 49.90 -21.12 0.81
N GLN A 786 49.67 -21.50 2.06
CA GLN A 786 50.65 -22.20 2.89
C GLN A 786 51.00 -23.59 2.34
N GLN A 787 50.02 -24.34 1.79
CA GLN A 787 50.27 -25.62 1.15
C GLN A 787 51.09 -25.45 -0.13
N GLN A 788 50.68 -24.55 -1.03
CA GLN A 788 51.39 -24.23 -2.28
C GLN A 788 52.82 -23.76 -2.03
N THR A 789 53.05 -22.94 -0.99
CA THR A 789 54.40 -22.48 -0.62
C THR A 789 55.25 -23.64 -0.12
N LYS A 790 54.66 -24.55 0.67
CA LYS A 790 55.33 -25.75 1.20
C LYS A 790 55.64 -26.80 0.12
N GLU A 791 54.92 -26.77 -0.99
CA GLU A 791 55.16 -27.60 -2.19
C GLU A 791 56.11 -26.95 -3.20
N GLY A 792 56.35 -25.62 -3.10
CA GLY A 792 57.09 -24.84 -4.10
C GLY A 792 58.57 -24.58 -3.79
N ALA A 793 58.84 -23.96 -2.65
CA ALA A 793 60.22 -23.67 -2.26
C ALA A 793 60.22 -23.15 -0.83
N GLY A 794 60.28 -24.05 0.14
CA GLY A 794 60.24 -23.65 1.54
C GLY A 794 61.34 -22.67 1.92
N GLY A 795 60.99 -21.64 2.70
CA GLY A 795 61.97 -20.67 3.12
C GLY A 795 61.40 -19.27 3.21
N GLY A 796 62.21 -18.32 3.63
CA GLY A 796 61.75 -16.93 3.72
C GLY A 796 61.36 -16.50 5.11
N ALA A 797 62.33 -16.05 5.90
CA ALA A 797 62.04 -15.56 7.26
C ALA A 797 61.12 -14.32 7.24
N GLY A 798 60.10 -14.30 8.10
CA GLY A 798 59.05 -13.28 8.11
C GLY A 798 59.52 -11.91 8.60
N THR A 799 59.68 -10.95 7.67
CA THR A 799 59.92 -9.53 7.99
C THR A 799 58.61 -8.75 8.16
N ARG A 800 58.69 -7.50 8.65
CA ARG A 800 57.57 -6.56 8.81
C ARG A 800 56.76 -6.37 7.51
N ALA A 801 57.44 -6.32 6.36
CA ALA A 801 56.81 -6.24 5.03
C ALA A 801 56.10 -7.55 4.63
N GLY A 802 56.62 -8.70 5.08
CA GLY A 802 56.06 -10.02 4.80
C GLY A 802 54.64 -10.21 5.34
N TRP A 803 54.25 -9.56 6.45
CA TRP A 803 52.89 -9.67 6.98
C TRP A 803 51.84 -9.02 6.07
N LEU A 804 52.05 -7.76 5.66
CA LEU A 804 51.15 -7.07 4.71
C LEU A 804 51.08 -7.83 3.38
N ALA A 805 52.22 -8.24 2.83
CA ALA A 805 52.27 -9.00 1.58
C ALA A 805 51.49 -10.34 1.67
N THR A 806 51.61 -11.05 2.79
CA THR A 806 50.87 -12.31 3.02
C THR A 806 49.37 -12.08 3.14
N GLU A 807 48.92 -11.02 3.83
CA GLU A 807 47.48 -10.69 3.90
C GLU A 807 46.92 -10.20 2.56
N ALA A 808 47.72 -9.48 1.76
CA ALA A 808 47.36 -9.06 0.41
C ALA A 808 47.18 -10.28 -0.51
N GLN A 809 48.09 -11.25 -0.47
CA GLN A 809 47.95 -12.53 -1.19
C GLN A 809 46.69 -13.30 -0.76
N VAL A 810 46.42 -13.39 0.55
CA VAL A 810 45.18 -14.01 1.08
C VAL A 810 43.93 -13.28 0.59
N THR A 811 43.98 -11.97 0.39
CA THR A 811 42.89 -11.18 -0.21
C THR A 811 42.77 -11.42 -1.71
N GLN A 812 43.88 -11.50 -2.45
CA GLN A 812 43.89 -11.74 -3.89
C GLN A 812 43.31 -13.12 -4.25
N GLU A 813 43.67 -14.17 -3.50
CA GLU A 813 43.04 -15.50 -3.59
C GLU A 813 41.51 -15.43 -3.42
N LEU A 814 41.01 -14.64 -2.47
CA LEU A 814 39.57 -14.48 -2.25
C LEU A 814 38.88 -13.71 -3.38
N LYS A 815 39.58 -12.81 -4.09
CA LYS A 815 39.07 -12.21 -5.33
C LYS A 815 38.98 -13.26 -6.44
N GLY A 816 40.07 -13.99 -6.71
CA GLY A 816 40.14 -14.99 -7.79
C GLY A 816 39.13 -16.14 -7.64
N LEU A 817 38.78 -16.52 -6.41
CA LEU A 817 37.73 -17.52 -6.15
C LEU A 817 36.29 -17.03 -6.41
N SER A 818 36.16 -15.77 -6.79
CA SER A 818 34.85 -15.19 -7.04
C SER A 818 34.89 -14.46 -8.37
N GLY A 819 36.00 -14.57 -9.08
CA GLY A 819 36.13 -13.90 -10.36
C GLY A 819 35.13 -14.42 -11.38
N GLY A 820 34.49 -15.55 -11.08
CA GLY A 820 33.47 -16.08 -11.97
C GLY A 820 32.54 -14.97 -12.44
N GLU A 821 32.41 -13.92 -11.63
CA GLU A 821 31.54 -12.80 -12.00
C GLU A 821 32.11 -12.02 -13.17
N GLU A 822 31.26 -11.71 -14.14
CA GLU A 822 31.71 -10.94 -15.31
C GLU A 822 31.04 -9.58 -15.35
N ARG A 823 30.01 -9.40 -14.54
CA ARG A 823 29.31 -8.11 -14.47
C ARG A 823 30.33 -6.96 -14.38
N PRO A 824 30.10 -5.82 -15.04
CA PRO A 824 30.93 -4.63 -14.84
C PRO A 824 30.80 -4.15 -13.40
N GLU A 825 31.92 -4.07 -12.68
CA GLU A 825 31.99 -3.74 -11.24
C GLU A 825 31.73 -2.24 -10.92
N THR A 826 30.70 -1.63 -11.50
CA THR A 826 30.41 -0.18 -11.31
C THR A 826 29.86 0.18 -9.93
N GLU A 827 29.26 -0.77 -9.19
CA GLU A 827 28.73 -0.54 -7.84
C GLU A 827 29.48 -1.35 -6.77
N PRO A 828 29.90 -0.74 -5.65
CA PRO A 828 30.58 -1.45 -4.57
C PRO A 828 29.62 -2.28 -3.72
N LEU A 829 29.99 -3.54 -3.46
CA LEU A 829 29.26 -4.48 -2.62
C LEU A 829 29.03 -3.95 -1.18
N LEU A 830 30.00 -3.20 -0.64
CA LEU A 830 29.90 -2.52 0.66
C LEU A 830 30.82 -1.29 0.68
N SER A 831 30.29 -0.12 1.06
CA SER A 831 31.09 1.09 1.30
C SER A 831 30.86 1.68 2.70
N PHE A 832 31.91 2.26 3.28
CA PHE A 832 31.95 2.72 4.67
C PHE A 832 32.91 3.90 4.87
N VAL A 833 32.80 4.61 5.99
CA VAL A 833 33.79 5.61 6.46
C VAL A 833 34.60 5.01 7.60
N ALA A 834 35.91 5.25 7.59
CA ALA A 834 36.84 4.98 8.68
C ALA A 834 37.33 6.32 9.25
N SER A 835 37.16 6.57 10.56
CA SER A 835 37.48 7.86 11.21
C SER A 835 38.22 7.66 12.55
N VAL A 836 39.33 8.37 12.77
CA VAL A 836 40.21 8.19 13.94
C VAL A 836 40.21 9.42 14.86
N SER A 837 40.05 9.20 16.17
CA SER A 837 40.14 10.27 17.19
C SER A 837 41.60 10.59 17.58
N PRO A 838 41.97 11.87 17.83
CA PRO A 838 43.36 12.24 18.12
C PRO A 838 43.88 11.73 19.47
N ALA A 839 43.13 11.96 20.55
CA ALA A 839 43.57 11.70 21.93
C ALA A 839 43.59 10.19 22.25
N ASP A 840 42.43 9.54 22.14
CA ASP A 840 42.26 8.13 22.53
C ASP A 840 42.62 7.13 21.41
N ARG A 841 42.92 7.61 20.20
CA ARG A 841 43.43 6.82 19.05
C ARG A 841 42.51 5.66 18.63
N MET A 842 41.21 5.85 18.85
CA MET A 842 40.15 4.88 18.56
C MET A 842 39.65 5.07 17.11
N LEU A 843 39.25 3.98 16.45
CA LEU A 843 38.70 4.01 15.09
C LEU A 843 37.18 3.80 15.11
N THR A 844 36.41 4.82 14.74
CA THR A 844 34.99 4.71 14.41
C THR A 844 34.85 4.22 12.96
N VAL A 845 33.98 3.25 12.70
CA VAL A 845 33.70 2.74 11.34
C VAL A 845 32.19 2.78 11.11
N THR A 846 31.72 3.48 10.07
CA THR A 846 30.28 3.68 9.79
C THR A 846 29.90 3.24 8.37
N PRO A 847 28.79 2.52 8.15
CA PRO A 847 28.35 2.16 6.79
C PRO A 847 27.92 3.39 5.99
N LEU A 848 28.00 3.29 4.66
CA LEU A 848 27.47 4.27 3.70
C LEU A 848 26.50 3.62 2.72
N GLN A 849 26.91 2.52 2.09
CA GLN A 849 26.07 1.69 1.23
C GLN A 849 26.28 0.23 1.65
N ASP A 850 25.21 -0.43 2.08
CA ASP A 850 25.23 -1.84 2.48
C ASP A 850 23.97 -2.56 1.96
N PRO A 851 23.87 -2.84 0.65
CA PRO A 851 22.65 -3.36 0.04
C PRO A 851 22.27 -4.79 0.50
N GLN A 852 23.23 -5.52 1.08
CA GLN A 852 23.08 -6.91 1.52
C GLN A 852 23.09 -7.08 3.05
N GLY A 853 23.18 -5.99 3.83
CA GLY A 853 23.20 -6.05 5.30
C GLY A 853 24.47 -6.69 5.89
N LEU A 854 25.60 -6.62 5.18
CA LEU A 854 26.87 -7.29 5.50
C LEU A 854 27.81 -6.46 6.37
N PHE A 855 27.50 -5.19 6.64
CA PHE A 855 28.32 -4.33 7.50
C PHE A 855 28.63 -4.95 8.89
N PRO A 856 27.71 -5.64 9.58
CA PRO A 856 28.02 -6.29 10.85
C PRO A 856 29.15 -7.31 10.76
N ASP A 857 29.22 -8.12 9.70
CA ASP A 857 30.28 -9.12 9.51
C ASP A 857 31.64 -8.46 9.27
N LEU A 858 31.68 -7.43 8.41
CA LEU A 858 32.87 -6.62 8.20
C LEU A 858 33.31 -5.97 9.53
N HIS A 859 32.39 -5.42 10.31
CA HIS A 859 32.73 -4.72 11.55
C HIS A 859 33.33 -5.65 12.61
N HIS A 860 32.76 -6.84 12.80
CA HIS A 860 33.34 -7.85 13.71
C HIS A 860 34.70 -8.35 13.22
N PHE A 861 34.87 -8.54 11.90
CA PHE A 861 36.17 -8.85 11.33
C PHE A 861 37.21 -7.75 11.61
N LEU A 862 36.89 -6.48 11.33
CA LEU A 862 37.79 -5.34 11.55
C LEU A 862 38.15 -5.17 13.04
N GLN A 863 37.23 -5.46 13.97
CA GLN A 863 37.51 -5.45 15.41
C GLN A 863 38.59 -6.45 15.84
N VAL A 864 38.73 -7.58 15.15
CA VAL A 864 39.78 -8.57 15.42
C VAL A 864 41.04 -8.29 14.59
N PHE A 865 40.86 -7.96 13.31
CA PHE A 865 41.93 -7.85 12.33
C PHE A 865 42.77 -6.58 12.49
N LEU A 866 42.15 -5.39 12.61
CA LEU A 866 42.91 -4.13 12.65
C LEU A 866 43.82 -4.03 13.88
N PRO A 867 43.41 -4.41 15.10
CA PRO A 867 44.30 -4.37 16.26
C PRO A 867 45.43 -5.40 16.20
N GLN A 868 45.34 -6.44 15.36
CA GLN A 868 46.43 -7.38 15.07
C GLN A 868 47.36 -6.82 13.99
N ALA A 869 46.79 -6.28 12.90
CA ALA A 869 47.54 -5.65 11.82
C ALA A 869 48.45 -4.52 12.31
N ILE A 870 47.90 -3.59 13.10
CA ILE A 870 48.65 -2.48 13.71
C ILE A 870 49.66 -2.97 14.77
N ARG A 871 49.53 -4.20 15.29
CA ARG A 871 50.57 -4.82 16.15
C ARG A 871 51.73 -5.40 15.34
N HIS A 872 51.48 -5.97 14.16
CA HIS A 872 52.53 -6.42 13.24
C HIS A 872 53.20 -5.28 12.47
N LEU A 873 52.57 -4.10 12.40
CA LEU A 873 53.09 -2.89 11.77
C LEU A 873 53.74 -1.89 12.75
N LYS A 874 53.98 -2.30 13.99
CA LYS A 874 54.76 -1.57 15.00
C LYS A 874 56.23 -1.99 14.98
#